data_6YW2
#
_entry.id   6YW2
#
_cell.length_a   46.181
_cell.length_b   46.181
_cell.length_c   202.262
_cell.angle_alpha   90.000
_cell.angle_beta   90.000
_cell.angle_gamma   120.000
#
_symmetry.space_group_name_H-M   'P 65'
#
loop_
_entity.id
_entity.type
_entity.pdbx_description
1 polymer 'Egl nine homolog 1'
2 polymer 'PHD2-SPECIFIC RaPID CYCLIC PEPTIDE 3C (14-MER)'
3 non-polymer 'MANGANESE (II) ION'
4 non-polymer N-[(1-CHLORO-4-HYDROXYISOQUINOLIN-3-YL)CARBONYL]GLYCINE
5 water water
#
loop_
_entity_poly.entity_id
_entity_poly.type
_entity_poly.pdbx_seq_one_letter_code
_entity_poly.pdbx_strand_id
1 'polypeptide(L)'
;GSHMASPNGQTKPLPALKLALEYIVPCMNKHGICVVDDFLGKETGQQIGDEVRALHDTGKFTDGQLVSQKSDSSKDIRGD
KITWIEGKEPGCETIGLLMSSMDDLIRHCNGKLGSYKINGRTKAMVACYPGNGTGYVRHVDNPNGDGRCVTCIYYLNKDW
DAKVSGGILRIFPEGKAQFADIEPKFDRLLFFWSDRRNPHEVQPAYATRYAITVWYFDADERARAKVKYLTGE
;
A
2 'polypeptide(L)' (48V)(DTY)VWLTDTWVLSRT B
#
loop_
_chem_comp.id
_chem_comp.type
_chem_comp.name
_chem_comp.formula
48V peptide-like '{[(2R)-2,3-diamino-3-oxopropyl]sulfanyl}acetic acid' 'C5 H10 N2 O3 S'
MN non-polymer 'MANGANESE (II) ION' 'Mn 2'
UN9 non-polymer N-[(1-CHLORO-4-HYDROXYISOQUINOLIN-3-YL)CARBONYL]GLYCINE 'C12 H9 Cl N2 O4'
#
# COMPACT_ATOMS: atom_id res chain seq x y z
N THR A 11 -15.39 -12.57 -13.55
CA THR A 11 -16.43 -11.73 -12.99
C THR A 11 -16.36 -10.30 -13.49
N LYS A 12 -17.27 -9.47 -12.99
CA LYS A 12 -17.29 -8.05 -13.32
C LYS A 12 -16.81 -7.24 -12.11
N PRO A 13 -15.69 -6.55 -12.22
CA PRO A 13 -15.18 -5.83 -11.05
C PRO A 13 -16.10 -4.68 -10.66
N LEU A 14 -16.23 -4.48 -9.36
CA LEU A 14 -16.99 -3.35 -8.85
C LEU A 14 -16.41 -2.06 -9.41
N PRO A 15 -17.24 -1.13 -9.89
CA PRO A 15 -16.70 0.12 -10.43
C PRO A 15 -15.94 0.91 -9.38
N ALA A 16 -14.97 1.71 -9.84
CA ALA A 16 -14.10 2.44 -8.92
C ALA A 16 -14.89 3.34 -8.00
N LEU A 17 -15.86 4.08 -8.54
CA LEU A 17 -16.62 5.01 -7.71
C LEU A 17 -17.40 4.28 -6.63
N LYS A 18 -18.09 3.20 -7.02
CA LYS A 18 -18.82 2.40 -6.03
C LYS A 18 -17.86 1.79 -5.01
N LEU A 19 -16.74 1.24 -5.49
CA LEU A 19 -15.75 0.68 -4.58
C LEU A 19 -15.32 1.70 -3.53
N ALA A 20 -15.07 2.95 -3.97
CA ALA A 20 -14.59 3.97 -3.05
C ALA A 20 -15.68 4.38 -2.06
N LEU A 21 -16.89 4.66 -2.56
CA LEU A 21 -17.90 5.26 -1.71
C LEU A 21 -18.60 4.26 -0.80
N GLU A 22 -18.76 3.02 -1.24
CA GLU A 22 -19.53 2.05 -0.47
C GLU A 22 -18.65 1.02 0.24
N TYR A 23 -17.34 1.05 0.04
CA TYR A 23 -16.48 0.17 0.81
C TYR A 23 -15.29 0.91 1.42
N ILE A 24 -14.45 1.54 0.61
CA ILE A 24 -13.19 2.08 1.12
C ILE A 24 -13.45 3.13 2.19
N VAL A 25 -14.32 4.09 1.90
CA VAL A 25 -14.61 5.17 2.84
C VAL A 25 -15.10 4.57 4.15
N PRO A 26 -16.22 3.81 4.13
CA PRO A 26 -16.73 3.28 5.41
C PRO A 26 -15.73 2.37 6.11
N CYS A 27 -14.99 1.56 5.34
CA CYS A 27 -14.04 0.64 5.94
C CYS A 27 -12.91 1.39 6.64
N MET A 28 -12.34 2.39 5.96
CA MET A 28 -11.27 3.17 6.59
C MET A 28 -11.78 3.88 7.84
N ASN A 29 -12.94 4.54 7.74
CA ASN A 29 -13.44 5.31 8.88
C ASN A 29 -13.80 4.42 10.05
N LYS A 30 -14.18 3.16 9.79
CA LYS A 30 -14.50 2.24 10.87
C LYS A 30 -13.24 1.61 11.47
N HIS A 31 -12.36 1.10 10.60
CA HIS A 31 -11.23 0.29 11.03
C HIS A 31 -9.86 0.96 10.88
N GLY A 32 -9.74 2.01 10.06
CA GLY A 32 -8.45 2.57 9.75
C GLY A 32 -7.57 1.68 8.91
N ILE A 33 -8.06 0.51 8.50
CA ILE A 33 -7.37 -0.39 7.58
C ILE A 33 -8.39 -0.85 6.55
N CYS A 34 -7.94 -1.06 5.31
CA CYS A 34 -8.88 -1.48 4.28
C CYS A 34 -8.15 -2.25 3.19
N VAL A 35 -8.65 -3.45 2.88
CA VAL A 35 -8.03 -4.32 1.89
C VAL A 35 -9.02 -4.55 0.76
N VAL A 36 -8.56 -4.32 -0.46
CA VAL A 36 -9.31 -4.62 -1.68
C VAL A 36 -8.55 -5.71 -2.41
N ASP A 37 -9.13 -6.89 -2.51
CA ASP A 37 -8.50 -7.98 -3.23
C ASP A 37 -8.91 -7.95 -4.71
N ASP A 38 -8.02 -8.47 -5.56
CA ASP A 38 -8.24 -8.50 -7.00
C ASP A 38 -8.51 -7.11 -7.57
N PHE A 39 -7.59 -6.19 -7.25
CA PHE A 39 -7.80 -4.78 -7.57
C PHE A 39 -7.80 -4.53 -9.07
N LEU A 40 -6.81 -5.06 -9.80
CA LEU A 40 -6.69 -4.78 -11.21
C LEU A 40 -6.77 -5.99 -12.13
N GLY A 41 -6.83 -7.20 -11.59
CA GLY A 41 -6.95 -8.39 -12.40
C GLY A 41 -5.60 -9.02 -12.68
N LYS A 42 -5.67 -10.24 -13.22
CA LYS A 42 -4.47 -11.09 -13.32
C LYS A 42 -3.52 -10.57 -14.39
N GLU A 43 -4.05 -10.20 -15.56
CA GLU A 43 -3.18 -9.77 -16.63
C GLU A 43 -2.40 -8.52 -16.25
N THR A 44 -3.12 -7.50 -15.75
CA THR A 44 -2.46 -6.26 -15.34
C THR A 44 -1.54 -6.49 -14.15
N GLY A 45 -1.97 -7.32 -13.19
CA GLY A 45 -1.12 -7.62 -12.06
C GLY A 45 0.20 -8.26 -12.48
N GLN A 46 0.12 -9.30 -13.30
CA GLN A 46 1.33 -9.96 -13.78
C GLN A 46 2.18 -9.04 -14.64
N GLN A 47 1.56 -8.11 -15.38
CA GLN A 47 2.33 -7.12 -16.12
C GLN A 47 3.12 -6.21 -15.18
N ILE A 48 2.46 -5.71 -14.13
CA ILE A 48 3.16 -4.93 -13.12
C ILE A 48 4.31 -5.74 -12.54
N GLY A 49 4.08 -7.02 -12.27
CA GLY A 49 5.14 -7.88 -11.78
C GLY A 49 6.31 -7.97 -12.73
N ASP A 50 6.03 -8.12 -14.03
CA ASP A 50 7.10 -8.17 -15.02
C ASP A 50 7.90 -6.88 -15.02
N GLU A 51 7.23 -5.73 -14.91
CA GLU A 51 7.95 -4.46 -14.87
C GLU A 51 8.82 -4.35 -13.63
N VAL A 52 8.29 -4.74 -12.46
CA VAL A 52 9.06 -4.65 -11.23
C VAL A 52 10.26 -5.60 -11.27
N ARG A 53 10.04 -6.83 -11.75
CA ARG A 53 11.13 -7.78 -11.87
C ARG A 53 12.18 -7.28 -12.85
N ALA A 54 11.76 -6.56 -13.89
CA ALA A 54 12.72 -5.97 -14.80
C ALA A 54 13.57 -4.94 -14.09
N LEU A 55 12.93 -4.05 -13.33
CA LEU A 55 13.69 -3.06 -12.57
C LEU A 55 14.68 -3.73 -11.63
N HIS A 56 14.24 -4.78 -10.94
CA HIS A 56 15.12 -5.52 -10.03
C HIS A 56 16.28 -6.15 -10.79
N ASP A 57 16.00 -6.79 -11.92
CA ASP A 57 17.02 -7.48 -12.70
C ASP A 57 17.98 -6.51 -13.39
N THR A 58 17.58 -5.26 -13.59
CA THR A 58 18.45 -4.25 -14.19
C THR A 58 19.11 -3.37 -13.13
N GLY A 59 19.07 -3.77 -11.87
CA GLY A 59 19.85 -3.11 -10.84
C GLY A 59 19.35 -1.75 -10.41
N LYS A 60 18.08 -1.44 -10.60
CA LYS A 60 17.55 -0.15 -10.20
C LYS A 60 17.33 -0.05 -8.70
N PHE A 61 17.24 -1.18 -7.99
CA PHE A 61 16.97 -1.15 -6.56
C PHE A 61 18.23 -0.85 -5.76
N THR A 62 18.05 -0.11 -4.68
CA THR A 62 19.12 0.26 -3.75
C THR A 62 18.56 0.15 -2.35
N ASP A 63 19.44 -0.13 -1.40
CA ASP A 63 19.01 -0.43 -0.04
C ASP A 63 18.23 0.70 0.58
N GLY A 64 17.18 0.36 1.33
CA GLY A 64 16.44 1.39 2.02
C GLY A 64 16.27 1.12 3.50
N ILE A 77 17.34 -2.22 10.99
CA ILE A 77 15.90 -2.19 11.26
C ILE A 77 15.14 -2.84 10.12
N ARG A 78 15.70 -2.79 8.91
CA ARG A 78 15.03 -3.36 7.75
C ARG A 78 16.04 -3.80 6.71
N GLY A 79 15.72 -4.88 6.02
CA GLY A 79 16.56 -5.40 4.97
C GLY A 79 15.98 -5.17 3.59
N ASP A 80 15.26 -4.07 3.45
CA ASP A 80 14.54 -3.76 2.23
C ASP A 80 15.48 -3.14 1.19
N LYS A 81 15.13 -3.33 -0.09
CA LYS A 81 15.73 -2.60 -1.20
C LYS A 81 14.63 -1.82 -1.91
N ILE A 82 14.89 -0.57 -2.27
CA ILE A 82 13.82 0.23 -2.86
C ILE A 82 14.29 1.01 -4.07
N THR A 83 13.30 1.41 -4.88
CA THR A 83 13.49 2.34 -5.99
C THR A 83 12.22 3.18 -6.12
N TRP A 84 12.38 4.44 -6.51
CA TRP A 84 11.23 5.34 -6.65
C TRP A 84 10.84 5.44 -8.12
N ILE A 85 9.54 5.34 -8.38
CA ILE A 85 8.99 5.35 -9.72
C ILE A 85 8.03 6.54 -9.83
N GLU A 86 8.30 7.42 -10.79
CA GLU A 86 7.40 8.53 -11.09
C GLU A 86 6.15 8.06 -11.84
N GLY A 87 6.30 7.05 -12.70
CA GLY A 87 5.18 6.47 -13.40
C GLY A 87 5.22 6.67 -14.91
N LYS A 88 6.03 7.63 -15.38
CA LYS A 88 6.14 7.91 -16.80
C LYS A 88 7.41 7.33 -17.42
N GLU A 89 8.31 6.76 -16.63
CA GLU A 89 9.56 6.24 -17.17
C GLU A 89 9.29 5.13 -18.18
N PRO A 90 10.10 5.02 -19.23
CA PRO A 90 9.94 3.91 -20.18
C PRO A 90 10.09 2.57 -19.47
N GLY A 91 9.17 1.65 -19.76
CA GLY A 91 9.16 0.36 -19.12
C GLY A 91 8.38 0.28 -17.82
N CYS A 92 7.75 1.36 -17.40
CA CYS A 92 6.97 1.40 -16.18
C CYS A 92 5.53 1.87 -16.45
N GLU A 93 5.04 1.59 -17.67
CA GLU A 93 3.71 2.05 -18.04
C GLU A 93 2.64 1.47 -17.12
N THR A 94 2.70 0.16 -16.85
CA THR A 94 1.68 -0.47 -16.02
C THR A 94 1.76 0.00 -14.57
N ILE A 95 2.98 0.28 -14.08
CA ILE A 95 3.09 0.92 -12.76
C ILE A 95 2.41 2.28 -12.78
N GLY A 96 2.57 3.03 -13.86
CA GLY A 96 1.85 4.30 -13.97
C GLY A 96 0.35 4.12 -13.96
N LEU A 97 -0.14 3.08 -14.62
CA LEU A 97 -1.57 2.79 -14.58
C LEU A 97 -2.03 2.49 -13.16
N LEU A 98 -1.26 1.67 -12.45
CA LEU A 98 -1.56 1.41 -11.05
C LEU A 98 -1.66 2.70 -10.25
N MET A 99 -0.71 3.61 -10.47
CA MET A 99 -0.68 4.85 -9.70
C MET A 99 -1.90 5.72 -10.01
N SER A 100 -2.23 5.83 -11.30
CA SER A 100 -3.41 6.61 -11.68
C SER A 100 -4.69 5.97 -11.15
N SER A 101 -4.70 4.64 -10.98
CA SER A 101 -5.87 3.98 -10.40
C SER A 101 -6.01 4.30 -8.92
N MET A 102 -4.89 4.21 -8.17
CA MET A 102 -4.90 4.67 -6.80
C MET A 102 -5.42 6.09 -6.69
N ASP A 103 -4.90 6.96 -7.57
CA ASP A 103 -5.31 8.36 -7.55
C ASP A 103 -6.79 8.51 -7.81
N ASP A 104 -7.33 7.74 -8.76
CA ASP A 104 -8.76 7.80 -9.04
C ASP A 104 -9.57 7.40 -7.81
N LEU A 105 -9.12 6.35 -7.11
CA LEU A 105 -9.84 5.95 -5.90
C LEU A 105 -9.82 7.06 -4.87
N ILE A 106 -8.66 7.67 -4.65
CA ILE A 106 -8.58 8.74 -3.65
C ILE A 106 -9.47 9.92 -4.04
N ARG A 107 -9.48 10.27 -5.33
CA ARG A 107 -10.33 11.36 -5.79
C ARG A 107 -11.79 11.04 -5.56
N HIS A 108 -12.21 9.81 -5.89
CA HIS A 108 -13.59 9.41 -5.70
C HIS A 108 -14.01 9.50 -4.24
N CYS A 109 -13.07 9.29 -3.31
CA CYS A 109 -13.38 9.40 -1.89
C CYS A 109 -13.83 10.81 -1.48
N ASN A 110 -13.59 11.79 -2.34
CA ASN A 110 -14.23 13.11 -2.23
C ASN A 110 -14.13 13.68 -0.83
N GLY A 111 -12.93 13.64 -0.26
CA GLY A 111 -12.70 14.25 1.03
C GLY A 111 -13.59 13.71 2.13
N LYS A 112 -13.89 12.41 2.08
CA LYS A 112 -14.63 11.73 3.12
C LYS A 112 -13.75 10.82 3.97
N LEU A 113 -12.44 10.82 3.74
CA LEU A 113 -11.49 10.04 4.54
C LEU A 113 -11.15 10.87 5.77
N GLY A 114 -11.83 10.57 6.87
CA GLY A 114 -11.71 11.37 8.07
C GLY A 114 -11.88 12.85 7.80
N SER A 115 -10.97 13.65 8.33
CA SER A 115 -11.03 15.10 8.17
C SER A 115 -9.99 15.59 7.18
N TYR A 116 -9.38 14.69 6.41
CA TYR A 116 -8.22 15.03 5.61
C TYR A 116 -8.62 15.73 4.33
N LYS A 117 -7.87 16.75 4.00
CA LYS A 117 -7.93 17.41 2.70
C LYS A 117 -6.72 16.92 1.91
N ILE A 118 -6.92 15.88 1.12
CA ILE A 118 -5.83 15.23 0.41
C ILE A 118 -5.57 15.95 -0.90
N ASN A 119 -4.35 16.44 -1.08
CA ASN A 119 -4.05 17.21 -2.29
C ASN A 119 -2.76 16.80 -2.98
N GLY A 120 -2.09 15.77 -2.50
CA GLY A 120 -0.85 15.36 -3.13
C GLY A 120 -0.45 13.99 -2.64
N ARG A 121 0.65 13.51 -3.20
CA ARG A 121 1.17 12.21 -2.84
C ARG A 121 2.65 12.15 -3.18
N THR A 122 3.29 11.11 -2.68
CA THR A 122 4.66 10.79 -3.06
C THR A 122 4.67 10.13 -4.44
N LYS A 123 5.88 9.95 -4.98
CA LYS A 123 6.06 8.99 -6.06
C LYS A 123 5.84 7.59 -5.51
N ALA A 124 5.88 6.58 -6.38
CA ALA A 124 5.68 5.21 -5.94
C ALA A 124 6.99 4.63 -5.42
N MET A 125 6.97 4.09 -4.20
CA MET A 125 8.10 3.37 -3.64
C MET A 125 7.94 1.89 -3.98
N VAL A 126 8.77 1.39 -4.88
CA VAL A 126 8.86 -0.04 -5.16
C VAL A 126 9.85 -0.64 -4.18
N ALA A 127 9.40 -1.63 -3.41
CA ALA A 127 10.19 -2.24 -2.35
C ALA A 127 10.26 -3.75 -2.55
N CYS A 128 11.42 -4.29 -2.21
CA CYS A 128 11.72 -5.71 -2.31
C CYS A 128 12.36 -6.17 -1.02
N TYR A 129 11.75 -7.16 -0.39
CA TYR A 129 12.40 -7.91 0.66
C TYR A 129 12.89 -9.21 0.06
N PRO A 130 14.22 -9.38 -0.14
CA PRO A 130 14.75 -10.49 -0.93
C PRO A 130 14.87 -11.80 -0.15
N GLY A 131 13.76 -12.20 0.48
CA GLY A 131 13.73 -13.43 1.21
C GLY A 131 14.76 -13.46 2.31
N ASN A 132 15.22 -14.67 2.63
CA ASN A 132 16.32 -14.88 3.58
C ASN A 132 16.00 -14.24 4.93
N GLY A 133 14.71 -14.12 5.24
CA GLY A 133 14.31 -13.62 6.54
C GLY A 133 14.28 -12.11 6.67
N THR A 134 14.42 -11.38 5.57
CA THR A 134 14.41 -9.92 5.63
C THR A 134 13.01 -9.40 5.98
N GLY A 135 12.98 -8.29 6.70
CA GLY A 135 11.74 -7.68 7.12
C GLY A 135 11.95 -6.24 7.52
N TYR A 136 10.95 -5.68 8.21
CA TYR A 136 10.98 -4.31 8.70
C TYR A 136 10.42 -4.31 10.11
N VAL A 137 11.21 -3.86 11.08
CA VAL A 137 10.79 -3.89 12.48
C VAL A 137 9.57 -3.00 12.66
N ARG A 138 8.90 -3.14 13.81
CA ARG A 138 7.68 -2.38 14.06
C ARG A 138 7.96 -0.88 14.02
N HIS A 139 7.09 -0.15 13.33
CA HIS A 139 7.31 1.27 13.12
C HIS A 139 5.99 1.96 12.84
N VAL A 140 6.05 3.30 12.85
CA VAL A 140 4.95 4.16 12.43
C VAL A 140 5.42 4.90 11.18
N ASP A 141 4.62 4.83 10.11
CA ASP A 141 5.02 5.48 8.86
C ASP A 141 5.27 6.97 9.06
N ASN A 142 4.32 7.66 9.68
CA ASN A 142 4.43 9.11 9.90
C ASN A 142 4.17 9.43 11.35
N PRO A 143 5.20 9.39 12.21
CA PRO A 143 5.00 9.73 13.62
C PRO A 143 5.30 11.18 13.99
N ASN A 144 5.84 11.97 13.07
CA ASN A 144 6.30 13.31 13.39
C ASN A 144 5.45 14.40 12.74
N GLY A 145 4.29 14.05 12.19
CA GLY A 145 3.43 15.04 11.58
C GLY A 145 3.94 15.59 10.26
N ASP A 146 4.46 14.71 9.40
CA ASP A 146 5.06 15.15 8.14
C ASP A 146 4.05 15.29 7.01
N GLY A 147 2.76 15.09 7.28
CA GLY A 147 1.72 15.37 6.33
C GLY A 147 1.09 14.15 5.68
N ARG A 148 1.78 13.01 5.70
CA ARG A 148 1.23 11.80 5.13
C ARG A 148 0.11 11.27 6.02
N CYS A 149 -1.06 11.06 5.42
CA CYS A 149 -2.23 10.61 6.17
C CYS A 149 -2.71 9.23 5.77
N VAL A 150 -2.51 8.81 4.52
CA VAL A 150 -2.92 7.49 4.07
C VAL A 150 -1.75 6.79 3.40
N THR A 151 -1.47 5.57 3.85
CA THR A 151 -0.54 4.67 3.19
C THR A 151 -1.33 3.75 2.26
N CYS A 152 -0.87 3.65 1.02
CA CYS A 152 -1.49 2.82 -0.01
C CYS A 152 -0.43 1.88 -0.57
N ILE A 153 -0.68 0.58 -0.48
CA ILE A 153 0.28 -0.44 -0.84
C ILE A 153 -0.37 -1.41 -1.80
N TYR A 154 0.32 -1.73 -2.90
CA TYR A 154 -0.13 -2.74 -3.84
C TYR A 154 0.84 -3.91 -3.82
N TYR A 155 0.29 -5.12 -3.66
CA TYR A 155 1.07 -6.35 -3.64
C TYR A 155 0.86 -7.14 -4.93
N LEU A 156 1.97 -7.65 -5.46
CA LEU A 156 2.07 -8.21 -6.81
C LEU A 156 2.78 -9.57 -6.80
N ASN A 157 2.70 -10.31 -5.70
CA ASN A 157 3.49 -11.52 -5.54
C ASN A 157 2.64 -12.74 -5.90
N LYS A 158 2.86 -13.26 -7.11
CA LYS A 158 2.02 -14.33 -7.63
C LYS A 158 2.13 -15.59 -6.80
N ASP A 159 0.98 -16.12 -6.37
CA ASP A 159 0.87 -17.35 -5.62
C ASP A 159 1.59 -17.27 -4.28
N TRP A 160 1.64 -16.09 -3.69
CA TRP A 160 2.29 -15.95 -2.39
C TRP A 160 1.48 -16.64 -1.31
N ASP A 161 2.15 -17.41 -0.46
CA ASP A 161 1.52 -18.15 0.62
C ASP A 161 2.33 -17.93 1.90
N ALA A 162 1.77 -17.18 2.84
CA ALA A 162 2.49 -16.89 4.08
C ALA A 162 2.94 -18.17 4.78
N LYS A 163 2.15 -19.24 4.65
CA LYS A 163 2.52 -20.50 5.29
C LYS A 163 3.91 -20.95 4.84
N VAL A 164 4.27 -20.69 3.60
CA VAL A 164 5.55 -21.12 3.03
C VAL A 164 6.60 -20.03 3.13
N SER A 165 6.24 -18.79 2.77
CA SER A 165 7.22 -17.72 2.63
C SER A 165 7.06 -16.60 3.64
N GLY A 166 6.14 -16.69 4.59
CA GLY A 166 6.05 -15.67 5.61
C GLY A 166 5.72 -14.31 5.01
N GLY A 167 6.41 -13.29 5.50
CA GLY A 167 6.30 -11.96 4.92
C GLY A 167 5.00 -11.25 5.22
N ILE A 168 4.31 -11.63 6.30
CA ILE A 168 3.05 -10.98 6.64
C ILE A 168 3.31 -9.56 7.12
N LEU A 169 2.41 -8.65 6.76
CA LEU A 169 2.38 -7.31 7.33
C LEU A 169 1.47 -7.35 8.55
N ARG A 170 2.04 -7.18 9.74
CA ARG A 170 1.25 -7.15 10.96
C ARG A 170 1.03 -5.70 11.38
N ILE A 171 -0.24 -5.33 11.53
CA ILE A 171 -0.63 -4.00 11.97
C ILE A 171 -1.17 -4.12 13.39
N PHE A 172 -0.84 -3.14 14.24
CA PHE A 172 -1.30 -3.12 15.63
C PHE A 172 -2.20 -1.88 15.81
N PRO A 173 -3.43 -1.95 15.31
CA PRO A 173 -4.30 -0.76 15.40
C PRO A 173 -4.47 -0.32 16.86
N GLU A 174 -4.29 0.98 17.09
CA GLU A 174 -4.45 1.53 18.44
C GLU A 174 -5.90 1.39 18.89
N GLY A 175 -6.09 1.10 20.17
CA GLY A 175 -7.41 0.93 20.72
C GLY A 175 -7.98 -0.47 20.60
N LYS A 176 -7.31 -1.36 19.87
CA LYS A 176 -7.77 -2.72 19.66
C LYS A 176 -6.76 -3.69 20.28
N ALA A 177 -7.27 -4.75 20.92
CA ALA A 177 -6.38 -5.72 21.52
C ALA A 177 -5.76 -6.63 20.48
N GLN A 178 -6.50 -6.96 19.42
CA GLN A 178 -6.06 -7.92 18.42
C GLN A 178 -5.36 -7.19 17.28
N PHE A 179 -4.28 -7.80 16.78
CA PHE A 179 -3.58 -7.26 15.62
C PHE A 179 -4.23 -7.75 14.33
N ALA A 180 -3.85 -7.12 13.22
CA ALA A 180 -4.39 -7.44 11.90
C ALA A 180 -3.26 -7.97 11.03
N ASP A 181 -3.41 -9.18 10.52
CA ASP A 181 -2.40 -9.82 9.69
C ASP A 181 -2.81 -9.68 8.23
N ILE A 182 -1.95 -9.07 7.41
CA ILE A 182 -2.22 -8.82 6.01
C ILE A 182 -1.20 -9.61 5.20
N GLU A 183 -1.65 -10.64 4.50
CA GLU A 183 -0.77 -11.36 3.60
C GLU A 183 -0.50 -10.52 2.35
N PRO A 184 0.75 -10.50 1.85
CA PRO A 184 1.06 -9.71 0.64
C PRO A 184 0.60 -10.41 -0.64
N LYS A 185 -0.71 -10.57 -0.77
CA LYS A 185 -1.27 -11.40 -1.83
C LYS A 185 -1.15 -10.71 -3.20
N PHE A 186 -0.98 -11.52 -4.24
CA PHE A 186 -0.98 -11.02 -5.61
C PHE A 186 -2.23 -10.20 -5.89
N ASP A 187 -2.02 -9.02 -6.47
CA ASP A 187 -3.09 -8.13 -6.89
C ASP A 187 -3.87 -7.56 -5.71
N ARG A 188 -3.23 -7.35 -4.57
CA ARG A 188 -3.95 -6.92 -3.37
C ARG A 188 -3.62 -5.47 -3.06
N LEU A 189 -4.65 -4.66 -2.82
CA LEU A 189 -4.48 -3.25 -2.51
C LEU A 189 -4.85 -3.01 -1.06
N LEU A 190 -4.05 -2.21 -0.36
CA LEU A 190 -4.22 -1.96 1.06
C LEU A 190 -4.11 -0.48 1.33
N PHE A 191 -5.05 0.05 2.10
CA PHE A 191 -4.99 1.40 2.66
C PHE A 191 -4.88 1.31 4.18
N PHE A 192 -4.14 2.24 4.79
CA PHE A 192 -4.27 2.41 6.23
C PHE A 192 -3.76 3.79 6.66
N TRP A 193 -4.28 4.28 7.78
CA TRP A 193 -3.87 5.58 8.30
C TRP A 193 -2.36 5.57 8.57
N SER A 194 -1.66 6.58 8.07
CA SER A 194 -0.20 6.57 8.18
C SER A 194 0.31 6.98 9.55
N ASP A 195 -0.52 7.56 10.41
CA ASP A 195 -0.04 8.14 11.65
C ASP A 195 0.06 7.07 12.73
N ARG A 196 0.23 7.51 13.98
CA ARG A 196 0.52 6.62 15.10
C ARG A 196 -0.60 5.62 15.39
N ARG A 197 -1.77 5.77 14.76
CA ARG A 197 -2.85 4.82 15.00
C ARG A 197 -2.47 3.42 14.53
N ASN A 198 -1.55 3.30 13.58
CA ASN A 198 -1.24 2.03 12.94
C ASN A 198 0.25 1.73 12.92
N PRO A 199 0.85 1.46 14.08
CA PRO A 199 2.18 0.82 14.08
C PRO A 199 2.11 -0.50 13.33
N HIS A 200 3.19 -0.83 12.63
CA HIS A 200 3.16 -2.06 11.83
C HIS A 200 4.58 -2.55 11.59
N GLU A 201 4.65 -3.83 11.22
CA GLU A 201 5.91 -4.51 10.97
C GLU A 201 5.75 -5.45 9.80
N VAL A 202 6.83 -5.63 9.04
CA VAL A 202 6.90 -6.68 8.03
C VAL A 202 7.63 -7.87 8.66
N GLN A 203 6.91 -8.97 8.86
CA GLN A 203 7.50 -10.17 9.44
C GLN A 203 8.44 -10.83 8.43
N PRO A 204 9.37 -11.64 8.90
CA PRO A 204 10.44 -12.14 8.02
C PRO A 204 9.89 -12.77 6.74
N ALA A 205 10.51 -12.42 5.62
CA ALA A 205 10.15 -12.95 4.30
C ALA A 205 11.17 -13.99 3.88
N TYR A 206 10.68 -15.12 3.38
CA TYR A 206 11.52 -16.23 2.96
C TYR A 206 11.42 -16.48 1.46
N ALA A 207 10.79 -15.55 0.73
CA ALA A 207 10.84 -15.50 -0.71
C ALA A 207 10.94 -14.03 -1.11
N THR A 208 11.25 -13.78 -2.38
CA THR A 208 11.31 -12.41 -2.87
C THR A 208 9.94 -11.77 -2.80
N ARG A 209 9.81 -10.68 -2.04
CA ARG A 209 8.52 -10.07 -1.75
C ARG A 209 8.52 -8.64 -2.27
N TYR A 210 7.64 -8.37 -3.24
CA TYR A 210 7.53 -7.06 -3.87
C TYR A 210 6.28 -6.34 -3.39
N ALA A 211 6.43 -5.04 -3.16
CA ALA A 211 5.28 -4.18 -2.88
C ALA A 211 5.51 -2.81 -3.48
N ILE A 212 4.42 -2.14 -3.83
CA ILE A 212 4.47 -0.77 -4.34
C ILE A 212 3.64 0.10 -3.41
N THR A 213 4.27 1.11 -2.81
CA THR A 213 3.62 1.97 -1.84
C THR A 213 3.52 3.39 -2.37
N VAL A 214 2.36 4.01 -2.18
CA VAL A 214 2.20 5.44 -2.37
C VAL A 214 1.64 6.03 -1.09
N TRP A 215 2.16 7.19 -0.68
CA TRP A 215 1.64 7.92 0.46
C TRP A 215 0.91 9.16 -0.02
N TYR A 216 -0.24 9.44 0.59
CA TYR A 216 -1.03 10.61 0.23
C TYR A 216 -0.94 11.67 1.32
N PHE A 217 -0.92 12.93 0.90
CA PHE A 217 -0.67 14.05 1.80
C PHE A 217 -1.96 14.82 2.08
N ASP A 218 -2.14 15.16 3.36
CA ASP A 218 -3.08 16.19 3.77
C ASP A 218 -2.42 17.56 3.59
N ALA A 219 -3.13 18.48 2.91
CA ALA A 219 -2.50 19.71 2.46
C ALA A 219 -1.97 20.55 3.62
N ASP A 220 -2.79 20.74 4.66
CA ASP A 220 -2.40 21.62 5.75
C ASP A 220 -1.27 21.04 6.59
N GLU A 221 -1.42 19.79 7.02
CA GLU A 221 -0.36 19.13 7.77
C GLU A 221 0.96 19.21 7.02
N ARG A 222 0.94 18.92 5.72
CA ARG A 222 2.16 18.97 4.95
C ARG A 222 2.73 20.39 4.91
N ALA A 223 1.85 21.39 4.74
CA ALA A 223 2.35 22.76 4.68
C ALA A 223 2.97 23.19 6.01
N ARG A 224 2.63 22.52 7.12
CA ARG A 224 3.24 22.88 8.39
C ARG A 224 4.74 22.66 8.41
N ALA A 225 5.27 21.85 7.49
CA ALA A 225 6.71 21.64 7.34
C ALA A 225 7.36 21.25 8.66
N LYS A 226 6.81 20.22 9.30
CA LYS A 226 7.41 19.71 10.53
C LYS A 226 8.72 18.99 10.28
N VAL A 227 8.96 18.55 9.05
CA VAL A 227 10.18 17.84 8.66
C VAL A 227 10.85 18.64 7.55
N LYS A 228 12.12 18.99 7.75
CA LYS A 228 12.92 19.67 6.74
C LYS A 228 13.99 18.72 6.22
N TYR A 229 14.03 18.54 4.91
CA TYR A 229 14.96 17.62 4.27
C TYR A 229 16.10 18.43 3.65
N LEU A 230 17.33 18.07 4.00
CA LEU A 230 18.49 18.86 3.64
C LEU A 230 19.35 18.26 2.54
N THR A 231 19.22 16.97 2.24
CA THR A 231 19.99 16.35 1.16
C THR A 231 19.37 16.69 -0.20
O10 48V B 1 -21.51 -10.61 -3.73
N01 48V B 1 -15.29 -10.64 -6.40
C02 48V B 1 -15.95 -11.77 -5.75
C03 48V B 1 -15.19 -13.05 -6.11
O04 48V B 1 -14.03 -13.11 -5.86
N05 48V B 1 -15.87 -14.15 -6.77
C06 48V B 1 -17.37 -11.82 -6.28
S07 48V B 1 -18.51 -12.61 -5.11
C08 48V B 1 -20.11 -11.76 -5.31
C09 48V B 1 -20.34 -10.86 -4.09
H2 48V B 1 -14.47 -10.53 -6.07
H1 48V B 1 -15.77 -9.90 -6.30
H4 48V B 1 -15.96 -11.67 -4.78
H5 48V B 1 -16.71 -14.09 -6.95
H6 48V B 1 -15.43 -14.86 -6.99
H7 48V B 1 -17.38 -12.34 -7.10
H8 48V B 1 -17.68 -10.92 -6.45
H9 48V B 1 -20.09 -11.22 -6.11
H10 48V B 1 -20.82 -12.42 -5.36
N DTY B 2 -19.55 -9.72 -3.72
CA DTY B 2 -20.15 -8.41 -3.56
C DTY B 2 -20.50 -8.11 -2.11
O DTY B 2 -21.22 -7.16 -1.81
CB DTY B 2 -19.23 -7.32 -4.12
CG DTY B 2 -19.25 -7.22 -5.63
CD1 DTY B 2 -18.15 -7.62 -6.38
CD2 DTY B 2 -20.36 -6.73 -6.29
CE1 DTY B 2 -18.17 -7.53 -7.76
CE2 DTY B 2 -20.38 -6.65 -7.67
CZ DTY B 2 -19.29 -7.05 -8.39
OH DTY B 2 -19.31 -6.95 -9.77
HA DTY B 2 -20.98 -8.38 -4.06
HB2 DTY B 2 -18.32 -7.51 -3.84
HB3 DTY B 2 -19.51 -6.46 -3.76
HD1 DTY B 2 -17.40 -7.94 -5.95
HD2 DTY B 2 -21.11 -6.47 -5.80
HE1 DTY B 2 -17.42 -7.79 -8.25
HE2 DTY B 2 -21.14 -6.31 -8.11
HH DTY B 2 -18.73 -7.47 -10.11
N VAL B 3 -19.96 -8.91 -1.20
CA VAL B 3 -20.37 -8.85 0.19
C VAL B 3 -19.22 -8.43 1.10
N TRP B 4 -19.46 -7.39 1.90
CA TRP B 4 -18.51 -6.91 2.88
C TRP B 4 -19.01 -7.31 4.27
N LEU B 5 -18.23 -8.14 4.97
CA LEU B 5 -18.48 -8.42 6.38
C LEU B 5 -17.89 -7.26 7.17
N THR B 6 -18.77 -6.37 7.64
CA THR B 6 -18.34 -5.05 8.11
C THR B 6 -17.44 -5.12 9.34
N ASP B 7 -17.46 -6.22 10.09
CA ASP B 7 -16.51 -6.40 11.18
C ASP B 7 -15.10 -6.73 10.68
N THR B 8 -14.95 -7.05 9.40
CA THR B 8 -13.66 -7.28 8.78
C THR B 8 -13.29 -6.11 7.88
N TRP B 9 -12.08 -6.18 7.32
CA TRP B 9 -11.56 -5.12 6.46
C TRP B 9 -11.03 -5.69 5.14
N VAL B 10 -11.64 -6.75 4.65
CA VAL B 10 -11.26 -7.36 3.39
C VAL B 10 -12.49 -7.50 2.51
N LEU B 11 -12.34 -7.17 1.23
CA LEU B 11 -13.39 -7.40 0.24
C LEU B 11 -12.72 -7.63 -1.12
N SER B 12 -13.23 -8.59 -1.88
CA SER B 12 -12.74 -8.85 -3.22
C SER B 12 -13.50 -7.99 -4.22
N ARG B 13 -12.76 -7.30 -5.10
CA ARG B 13 -13.39 -6.41 -6.07
C ARG B 13 -14.20 -7.19 -7.10
N THR B 14 -13.92 -8.47 -7.26
CA THR B 14 -14.60 -9.25 -8.27
C THR B 14 -15.43 -10.37 -7.69
MN MN C . 5.48 1.08 6.94
O18 UN9 D . 3.69 -4.90 3.63
C16 UN9 D . 4.57 -4.00 3.61
O17 UN9 D . 5.48 -4.01 2.71
C15 UN9 D . 4.60 -2.90 4.70
N14 UN9 D . 5.79 -2.10 4.42
C12 UN9 D . 6.16 -1.05 5.29
O13 UN9 D . 5.44 -0.83 6.25
C9 UN9 D . 7.34 -0.13 5.03
N8 UN9 D . 7.32 1.04 5.59
C7 UN9 D . 8.27 1.95 5.43
CL1 UN9 D . 8.13 3.46 6.27
C2 UN9 D . 9.35 1.70 4.61
C10 UN9 D . 8.37 -0.46 4.17
O19 UN9 D . 8.38 -1.68 3.55
C3 UN9 D . 9.41 0.46 3.97
C4 UN9 D . 10.50 0.17 3.12
C5 UN9 D . 11.52 1.12 2.93
C6 UN9 D . 11.46 2.35 3.57
C1 UN9 D . 10.38 2.66 4.42
H151 UN9 D . 4.67 -3.31 5.61
H152 UN9 D . 3.78 -2.34 4.66
HN14 UN9 D . 6.29 -2.28 3.67
HO19 UN9 D . 8.24 -1.57 2.70
H4 UN9 D . 10.54 -0.69 2.66
H5 UN9 D . 12.29 0.91 2.33
H6 UN9 D . 12.18 3.02 3.44
H1 UN9 D . 10.34 3.53 4.88
#